data_8PZ9
#
_entry.id   8PZ9
#
_cell.length_a   65.790
_cell.length_b   65.790
_cell.length_c   263.830
_cell.angle_alpha   90.00
_cell.angle_beta   90.00
_cell.angle_gamma   120.00
#
_symmetry.space_group_name_H-M   'P 65 2 2'
#
loop_
_entity.id
_entity.type
_entity.pdbx_description
1 polymer 'Vitamin D3 receptor A'
2 polymer 'Nuclear receptor coactivator 2'
3 non-polymer (1~{R},3~{R})-5-[(2~{E})-2-[(4~{a}~{R},5~{R},9~{a}~{S})-4~{a}-methyl-5-[(2~{R})-6-methyl-6-oxidanyl-heptan-2-yl]-3,4,5,8,9,9~{a}-hexahydro-2~{H}-benzo[7]annulen-1-ylidene]ethylidene]-2-methylidene-cyclohexane-1,3-diol
4 water water
#
loop_
_entity_poly.entity_id
_entity_poly.type
_entity_poly.pdbx_seq_one_letter_code
_entity_poly.pdbx_strand_id
1 'polypeptide(L)'
;GSHMLSDEQMQIINSLVEAHHKTYDDSYSDFVRFRPPVREGPVTRSASRAASLHSLSDASSDSFNHSPESVDTKLNFSNL
LMMYQDSGSPDSSEEDQQSRLSMLPHLADLVSYSIQKVIGFAKMIPGFRDLTAEDQIALLKSSAIEIIMLRSNQSFSLED
MSWSCGGPDFKYCINDVTKAGHTLELLEPLVKFQVGLKKLKLHEEEHVLLMAICLLSPDRPGVQDHVRIEALQDRLCDVL
QAYIRIQHPGGRLLYAKMIQKLADLRSLNEEHSKQYRSLSFQPEHSMQLTPLVLEVFGSEVS
;
A
2 'polypeptide(L)' KHKILHRLLQDSS B
#
loop_
_chem_comp.id
_chem_comp.type
_chem_comp.name
_chem_comp.formula
IFK non-polymer (1~{R},3~{R})-5-[(2~{E})-2-[(4~{a}~{R},5~{R},9~{a}~{S})-4~{a}-methyl-5-[(2~{R})-6-methyl-6-oxidanyl-heptan-2-yl]-3,4,5,8,9,9~{a}-hexahydro-2~{H}-benzo[7]annulen-1-ylidene]ethylidene]-2-methylidene-cyclohexane-1,3-diol 'C29 H48 O3'
#
# COMPACT_ATOMS: atom_id res chain seq x y z
N MET A 4 -27.89 -5.39 -10.98
CA MET A 4 -26.69 -5.20 -11.79
C MET A 4 -26.00 -3.83 -11.56
N LEU A 5 -24.76 -3.70 -12.02
CA LEU A 5 -23.94 -2.50 -11.85
C LEU A 5 -24.39 -1.34 -12.73
N SER A 6 -24.05 -0.13 -12.30
CA SER A 6 -24.43 1.08 -13.00
C SER A 6 -23.27 1.60 -13.82
N ASP A 7 -23.57 2.53 -14.72
CA ASP A 7 -22.54 3.10 -15.59
C ASP A 7 -21.46 3.78 -14.77
N GLU A 8 -21.83 4.66 -13.86
CA GLU A 8 -20.83 5.32 -13.02
C GLU A 8 -20.02 4.33 -12.22
N GLN A 9 -20.66 3.24 -11.77
CA GLN A 9 -19.98 2.28 -10.91
C GLN A 9 -18.96 1.45 -11.67
N MET A 10 -19.17 1.23 -12.96
CA MET A 10 -18.19 0.52 -13.75
C MET A 10 -17.15 1.45 -14.34
N GLN A 11 -17.50 2.72 -14.53
CA GLN A 11 -16.48 3.72 -14.88
C GLN A 11 -15.43 3.79 -13.78
N ILE A 12 -15.86 3.81 -12.52
CA ILE A 12 -14.93 3.83 -11.39
C ILE A 12 -14.08 2.57 -11.40
N ILE A 13 -14.68 1.43 -11.77
CA ILE A 13 -13.92 0.19 -11.80
C ILE A 13 -12.90 0.21 -12.93
N ASN A 14 -13.34 0.60 -14.13
CA ASN A 14 -12.40 0.67 -15.26
C ASN A 14 -11.23 1.58 -14.94
N SER A 15 -11.49 2.67 -14.21
CA SER A 15 -10.42 3.63 -13.92
C SER A 15 -9.43 3.08 -12.93
N LEU A 16 -9.90 2.47 -11.84
CA LEU A 16 -8.99 1.92 -10.87
C LEU A 16 -8.14 0.80 -11.47
N VAL A 17 -8.78 -0.13 -12.19
CA VAL A 17 -8.03 -1.22 -12.81
C VAL A 17 -6.96 -0.69 -13.75
N GLU A 18 -7.29 0.35 -14.52
CA GLU A 18 -6.32 0.87 -15.47
C GLU A 18 -5.17 1.53 -14.73
N ALA A 19 -5.47 2.31 -13.69
CA ALA A 19 -4.43 2.96 -12.91
C ALA A 19 -3.50 1.95 -12.29
N HIS A 20 -4.06 0.88 -11.72
CA HIS A 20 -3.21 -0.15 -11.13
C HIS A 20 -2.30 -0.75 -12.18
N HIS A 21 -2.84 -1.04 -13.36
CA HIS A 21 -2.00 -1.57 -14.41
C HIS A 21 -0.95 -0.57 -14.88
N LYS A 22 -1.19 0.72 -14.71
CA LYS A 22 -0.16 1.67 -15.12
C LYS A 22 0.89 1.87 -14.05
N THR A 23 0.64 1.44 -12.82
CA THR A 23 1.55 1.70 -11.71
C THR A 23 2.07 0.43 -11.03
N TYR A 24 1.82 -0.76 -11.59
CA TYR A 24 2.34 -2.01 -11.03
C TYR A 24 2.91 -2.89 -12.14
N ASP A 25 4.10 -3.45 -11.90
CA ASP A 25 4.86 -4.16 -12.91
C ASP A 25 5.03 -5.60 -12.46
N ASP A 26 4.32 -6.53 -13.11
CA ASP A 26 4.40 -7.92 -12.73
C ASP A 26 5.75 -8.54 -13.06
N SER A 27 6.60 -7.83 -13.80
CA SER A 27 7.94 -8.32 -14.10
C SER A 27 8.99 -7.84 -13.10
N TYR A 28 8.68 -6.85 -12.27
CA TYR A 28 9.62 -6.32 -11.27
C TYR A 28 10.95 -5.92 -11.93
N SER A 29 10.83 -5.30 -13.11
CA SER A 29 12.00 -4.92 -13.88
C SER A 29 12.84 -3.90 -13.14
N ASP A 30 12.23 -2.80 -12.71
CA ASP A 30 13.01 -1.68 -12.17
C ASP A 30 13.77 -2.07 -10.90
N PHE A 31 13.65 -3.31 -10.42
CA PHE A 31 14.38 -3.69 -9.23
C PHE A 31 15.88 -3.74 -9.46
N VAL A 32 16.28 -3.90 -10.73
CA VAL A 32 17.68 -3.87 -11.08
C VAL A 32 18.28 -2.47 -10.90
N ARG A 33 17.44 -1.44 -10.81
CA ARG A 33 17.91 -0.09 -10.55
C ARG A 33 18.12 0.21 -9.08
N PHE A 34 17.68 -0.65 -8.16
CA PHE A 34 17.86 -0.33 -6.75
C PHE A 34 19.28 -0.63 -6.29
N ARG A 35 19.62 -0.10 -5.12
CA ARG A 35 20.78 -0.58 -4.41
C ARG A 35 20.62 -2.08 -4.17
N PRO A 36 21.59 -2.88 -4.57
CA PRO A 36 21.42 -4.32 -4.55
C PRO A 36 21.20 -4.86 -3.15
N PRO A 37 20.62 -6.05 -3.04
CA PRO A 37 20.46 -6.69 -1.73
C PRO A 37 21.78 -7.26 -1.25
N VAL A 38 21.89 -7.38 0.07
CA VAL A 38 23.06 -7.94 0.73
C VAL A 38 22.57 -8.77 1.90
N ARG A 39 23.00 -10.04 1.94
CA ARG A 39 22.65 -10.94 3.03
C ARG A 39 23.86 -11.72 3.51
N ARG A 100 23.21 -5.39 11.96
CA ARG A 100 24.05 -4.90 10.87
C ARG A 100 23.24 -4.18 9.80
N LEU A 101 22.07 -4.74 9.49
CA LEU A 101 21.07 -4.12 8.60
C LEU A 101 21.56 -4.06 7.16
N SER A 102 22.08 -5.18 6.67
CA SER A 102 22.59 -5.22 5.31
C SER A 102 21.49 -4.94 4.30
N MET A 103 20.31 -5.55 4.47
CA MET A 103 19.21 -5.39 3.52
C MET A 103 18.57 -4.01 3.55
N LEU A 104 18.94 -3.14 4.49
CA LEU A 104 18.22 -1.87 4.60
C LEU A 104 18.29 -1.01 3.34
N PRO A 105 19.45 -0.82 2.68
CA PRO A 105 19.45 0.05 1.49
C PRO A 105 18.55 -0.46 0.37
N HIS A 106 18.60 -1.75 0.07
CA HIS A 106 17.74 -2.27 -0.99
C HIS A 106 16.26 -2.14 -0.63
N LEU A 107 15.88 -2.50 0.60
CA LEU A 107 14.47 -2.41 0.94
C LEU A 107 13.99 -0.96 1.01
N ALA A 108 14.84 -0.05 1.48
CA ALA A 108 14.44 1.35 1.46
C ALA A 108 14.22 1.83 0.03
N ASP A 109 15.08 1.39 -0.89
CA ASP A 109 14.86 1.69 -2.30
C ASP A 109 13.55 1.08 -2.79
N LEU A 110 13.23 -0.15 -2.35
CA LEU A 110 11.97 -0.78 -2.73
C LEU A 110 10.78 0.06 -2.27
N VAL A 111 10.72 0.39 -0.97
CA VAL A 111 9.64 1.23 -0.45
C VAL A 111 9.56 2.55 -1.20
N SER A 112 10.70 3.23 -1.35
CA SER A 112 10.69 4.54 -1.99
C SER A 112 10.08 4.46 -3.38
N TYR A 113 10.44 3.41 -4.12
CA TYR A 113 9.87 3.19 -5.43
C TYR A 113 8.36 2.99 -5.32
N SER A 114 7.94 2.15 -4.37
CA SER A 114 6.52 1.85 -4.20
C SER A 114 5.73 3.11 -3.89
N ILE A 115 6.29 4.00 -3.07
CA ILE A 115 5.61 5.27 -2.78
C ILE A 115 5.36 6.05 -4.06
N GLN A 116 6.30 6.02 -4.99
CA GLN A 116 6.09 6.71 -6.24
C GLN A 116 4.91 6.10 -6.99
N LYS A 117 4.83 4.77 -6.99
CA LYS A 117 3.75 4.11 -7.70
C LYS A 117 2.40 4.32 -7.00
N VAL A 118 2.40 4.34 -5.67
CA VAL A 118 1.16 4.64 -4.96
C VAL A 118 0.65 6.02 -5.31
N ILE A 119 1.56 7.00 -5.43
CA ILE A 119 1.13 8.37 -5.76
C ILE A 119 0.56 8.41 -7.17
N GLY A 120 1.15 7.66 -8.09
CA GLY A 120 0.56 7.55 -9.41
C GLY A 120 -0.80 6.89 -9.39
N PHE A 121 -0.95 5.85 -8.59
CA PHE A 121 -2.28 5.27 -8.39
C PHE A 121 -3.24 6.33 -7.86
N ALA A 122 -2.87 6.94 -6.73
CA ALA A 122 -3.78 7.84 -6.03
C ALA A 122 -4.26 8.96 -6.94
N LYS A 123 -3.38 9.47 -7.79
CA LYS A 123 -3.74 10.57 -8.67
C LYS A 123 -4.83 10.18 -9.65
N MET A 124 -5.02 8.89 -9.89
CA MET A 124 -5.97 8.43 -10.89
C MET A 124 -7.29 7.92 -10.28
N ILE A 125 -7.35 7.84 -8.96
CA ILE A 125 -8.61 7.54 -8.26
C ILE A 125 -9.60 8.66 -8.50
N PRO A 126 -10.83 8.38 -8.96
CA PRO A 126 -11.79 9.46 -9.22
C PRO A 126 -12.09 10.25 -7.95
N GLY A 127 -11.90 11.56 -8.01
CA GLY A 127 -12.17 12.47 -6.91
C GLY A 127 -10.94 12.90 -6.12
N PHE A 128 -9.86 12.13 -6.14
CA PHE A 128 -8.66 12.46 -5.39
C PHE A 128 -8.04 13.76 -5.90
N ARG A 129 -7.83 13.87 -7.21
CA ARG A 129 -7.16 15.03 -7.79
C ARG A 129 -7.85 16.34 -7.43
N ASP A 130 -9.11 16.30 -7.01
CA ASP A 130 -9.87 17.50 -6.68
C ASP A 130 -9.87 17.83 -5.20
N LEU A 131 -9.25 16.98 -4.38
CA LEU A 131 -8.99 17.35 -3.00
C LEU A 131 -7.95 18.46 -2.96
N THR A 132 -7.89 19.18 -1.85
CA THR A 132 -6.79 20.13 -1.70
C THR A 132 -5.45 19.37 -1.62
N ALA A 133 -4.38 20.09 -1.94
CA ALA A 133 -3.06 19.46 -1.92
C ALA A 133 -2.69 18.98 -0.52
N GLU A 134 -3.11 19.72 0.51
CA GLU A 134 -2.87 19.29 1.88
C GLU A 134 -3.57 17.97 2.17
N ASP A 135 -4.88 17.88 1.87
CA ASP A 135 -5.61 16.63 2.10
C ASP A 135 -4.99 15.47 1.32
N GLN A 136 -4.54 15.72 0.08
CA GLN A 136 -3.88 14.66 -0.66
C GLN A 136 -2.62 14.20 0.05
N ILE A 137 -1.81 15.15 0.53
CA ILE A 137 -0.60 14.81 1.28
C ILE A 137 -0.97 14.08 2.57
N ALA A 138 -1.93 14.65 3.33
CA ALA A 138 -2.39 14.03 4.56
C ALA A 138 -2.77 12.58 4.36
N LEU A 139 -3.59 12.30 3.33
CA LEU A 139 -4.01 10.94 3.05
C LEU A 139 -2.83 10.06 2.67
N LEU A 140 -1.90 10.59 1.86
CA LEU A 140 -0.79 9.77 1.39
C LEU A 140 0.21 9.48 2.51
N LYS A 141 0.52 10.46 3.35
CA LYS A 141 1.46 10.20 4.43
C LYS A 141 0.92 9.12 5.36
N SER A 142 -0.36 9.19 5.72
CA SER A 142 -0.91 8.23 6.66
C SER A 142 -1.14 6.86 6.04
N SER A 143 -1.43 6.77 4.75
CA SER A 143 -1.87 5.50 4.19
C SER A 143 -0.82 4.87 3.27
N ALA A 144 0.36 5.45 3.17
CA ALA A 144 1.34 4.94 2.21
C ALA A 144 1.73 3.50 2.54
N ILE A 145 2.02 3.24 3.82
CA ILE A 145 2.57 1.93 4.14
C ILE A 145 1.50 0.86 3.98
N GLU A 146 0.25 1.21 4.26
CA GLU A 146 -0.85 0.27 4.10
C GLU A 146 -1.04 -0.10 2.63
N ILE A 147 -1.17 0.90 1.76
CA ILE A 147 -1.31 0.62 0.33
C ILE A 147 -0.17 -0.26 -0.16
N ILE A 148 1.05 0.02 0.30
CA ILE A 148 2.18 -0.83 -0.08
C ILE A 148 2.02 -2.25 0.47
N MET A 149 1.67 -2.39 1.76
CA MET A 149 1.39 -3.72 2.27
C MET A 149 0.30 -4.41 1.45
N LEU A 150 -0.63 -3.61 0.90
CA LEU A 150 -1.73 -4.15 0.11
C LEU A 150 -1.24 -4.65 -1.24
N ARG A 151 -0.51 -3.81 -1.96
CA ARG A 151 -0.08 -4.16 -3.31
C ARG A 151 0.95 -5.27 -3.28
N SER A 152 1.76 -5.33 -2.22
CA SER A 152 2.78 -6.37 -2.12
C SER A 152 2.18 -7.76 -2.04
N ASN A 153 0.89 -7.87 -1.73
CA ASN A 153 0.25 -9.18 -1.74
C ASN A 153 0.31 -9.82 -3.11
N GLN A 154 0.30 -9.02 -4.18
CA GLN A 154 0.40 -9.52 -5.53
C GLN A 154 1.69 -10.29 -5.80
N SER A 155 2.69 -10.17 -4.95
CA SER A 155 3.95 -10.88 -5.13
C SER A 155 4.20 -11.90 -4.04
N PHE A 156 3.36 -11.92 -3.03
CA PHE A 156 3.48 -12.90 -1.96
C PHE A 156 3.13 -14.30 -2.47
N SER A 157 3.91 -15.28 -2.03
CA SER A 157 3.73 -16.66 -2.42
C SER A 157 3.50 -17.47 -1.16
N LEU A 158 2.46 -18.30 -1.19
CA LEU A 158 2.18 -19.16 -0.04
C LEU A 158 3.10 -20.37 0.03
N GLU A 159 3.69 -20.78 -1.10
CA GLU A 159 4.57 -21.94 -1.09
C GLU A 159 5.77 -21.73 -0.19
N ASP A 160 6.32 -20.50 -0.20
CA ASP A 160 7.54 -20.20 0.54
C ASP A 160 7.36 -19.06 1.54
N MET A 161 6.16 -18.52 1.67
CA MET A 161 5.87 -17.47 2.64
C MET A 161 6.78 -16.28 2.44
N SER A 162 7.00 -15.93 1.18
CA SER A 162 7.89 -14.83 0.85
C SER A 162 7.29 -14.05 -0.31
N TRP A 163 7.78 -12.83 -0.48
CA TRP A 163 7.50 -12.07 -1.69
C TRP A 163 8.53 -12.47 -2.74
N SER A 164 8.07 -12.87 -3.91
CA SER A 164 8.96 -13.38 -4.95
C SER A 164 8.91 -12.47 -6.16
N CYS A 165 9.66 -11.38 -6.08
CA CYS A 165 9.77 -10.43 -7.19
C CYS A 165 10.83 -10.79 -8.20
N GLY A 166 11.41 -11.99 -8.11
CA GLY A 166 12.22 -12.50 -9.20
C GLY A 166 13.51 -13.15 -8.76
N GLY A 167 13.67 -14.43 -9.05
CA GLY A 167 14.91 -15.12 -8.83
C GLY A 167 15.39 -15.08 -7.38
N PRO A 168 16.63 -15.50 -7.16
CA PRO A 168 17.14 -15.52 -5.78
C PRO A 168 17.29 -14.13 -5.17
N ASP A 169 17.68 -13.14 -5.96
CA ASP A 169 18.03 -11.84 -5.39
C ASP A 169 16.81 -11.15 -4.80
N PHE A 170 15.72 -11.05 -5.58
CA PHE A 170 14.52 -10.30 -5.21
C PHE A 170 13.45 -11.18 -4.56
N LYS A 171 13.85 -12.27 -3.93
CA LYS A 171 12.96 -13.17 -3.20
C LYS A 171 13.09 -12.80 -1.73
N TYR A 172 12.17 -11.98 -1.23
CA TYR A 172 12.30 -11.41 0.09
C TYR A 172 11.62 -12.33 1.09
N CYS A 173 12.42 -13.04 1.87
CA CYS A 173 11.87 -13.93 2.89
C CYS A 173 11.96 -13.26 4.25
N ILE A 174 11.71 -14.03 5.31
CA ILE A 174 11.57 -13.44 6.63
C ILE A 174 12.92 -12.95 7.15
N ASN A 175 13.98 -13.72 6.96
CA ASN A 175 15.28 -13.29 7.48
C ASN A 175 15.75 -12.01 6.80
N ASP A 176 15.35 -11.79 5.54
CA ASP A 176 15.73 -10.57 4.84
C ASP A 176 15.11 -9.34 5.51
N VAL A 177 13.82 -9.41 5.81
CA VAL A 177 13.11 -8.28 6.39
C VAL A 177 13.69 -7.90 7.74
N THR A 178 14.19 -8.87 8.50
CA THR A 178 14.81 -8.56 9.78
C THR A 178 16.16 -7.87 9.60
N LYS A 179 16.86 -8.17 8.52
CA LYS A 179 18.08 -7.45 8.20
C LYS A 179 17.82 -6.09 7.60
N ALA A 180 16.58 -5.62 7.62
CA ALA A 180 16.27 -4.23 7.32
C ALA A 180 15.88 -3.46 8.57
N GLY A 181 16.21 -3.98 9.74
CA GLY A 181 15.99 -3.24 10.96
C GLY A 181 14.60 -3.34 11.54
N HIS A 182 13.80 -4.31 11.12
CA HIS A 182 12.46 -4.50 11.65
C HIS A 182 12.39 -5.80 12.43
N THR A 183 11.64 -5.78 13.52
CA THR A 183 11.61 -6.89 14.46
C THR A 183 10.48 -7.84 14.12
N LEU A 184 10.36 -8.89 14.92
CA LEU A 184 9.31 -9.88 14.70
C LEU A 184 7.94 -9.34 15.05
N GLU A 185 7.86 -8.32 15.92
CA GLU A 185 6.56 -7.75 16.27
C GLU A 185 5.86 -7.16 15.06
N LEU A 186 6.60 -6.69 14.07
CA LEU A 186 5.94 -6.32 12.83
C LEU A 186 5.76 -7.53 11.92
N LEU A 187 6.78 -8.38 11.84
CA LEU A 187 6.77 -9.45 10.85
C LEU A 187 5.67 -10.48 11.10
N GLU A 188 5.43 -10.84 12.37
CA GLU A 188 4.45 -11.88 12.69
C GLU A 188 3.08 -11.52 12.12
N PRO A 189 2.43 -10.41 12.51
CA PRO A 189 1.09 -10.14 11.96
C PRO A 189 1.10 -9.71 10.50
N LEU A 190 2.23 -9.22 9.98
CA LEU A 190 2.26 -8.84 8.56
C LEU A 190 2.14 -10.06 7.67
N VAL A 191 2.83 -11.14 8.01
CA VAL A 191 2.75 -12.34 7.20
C VAL A 191 1.35 -12.95 7.32
N LYS A 192 0.87 -13.07 8.57
CA LYS A 192 -0.49 -13.57 8.79
C LYS A 192 -1.50 -12.74 8.01
N PHE A 193 -1.27 -11.42 7.92
CA PHE A 193 -2.13 -10.59 7.09
C PHE A 193 -1.99 -10.96 5.62
N GLN A 194 -0.77 -11.27 5.17
CA GLN A 194 -0.57 -11.57 3.76
C GLN A 194 -1.29 -12.86 3.37
N VAL A 195 -1.05 -13.96 4.11
CA VAL A 195 -1.70 -15.21 3.74
C VAL A 195 -3.21 -15.10 3.95
N GLY A 196 -3.65 -14.34 4.96
CA GLY A 196 -5.07 -14.08 5.09
C GLY A 196 -5.63 -13.38 3.87
N LEU A 197 -4.88 -12.41 3.36
CA LEU A 197 -5.29 -11.71 2.14
C LEU A 197 -5.18 -12.63 0.93
N LYS A 198 -4.14 -13.45 0.88
CA LYS A 198 -3.97 -14.33 -0.27
C LYS A 198 -5.12 -15.33 -0.37
N LYS A 199 -5.52 -15.90 0.78
CA LYS A 199 -6.62 -16.88 0.77
C LYS A 199 -7.93 -16.27 0.28
N LEU A 200 -8.14 -14.97 0.49
CA LEU A 200 -9.39 -14.36 0.03
C LEU A 200 -9.57 -14.48 -1.48
N LYS A 201 -8.49 -14.70 -2.23
CA LYS A 201 -8.54 -14.91 -3.68
C LYS A 201 -9.27 -13.77 -4.39
N LEU A 202 -8.89 -12.55 -4.05
CA LEU A 202 -9.57 -11.37 -4.60
C LEU A 202 -9.47 -11.31 -6.12
N HIS A 203 -10.53 -10.81 -6.74
CA HIS A 203 -10.49 -10.38 -8.13
C HIS A 203 -9.74 -9.06 -8.21
N GLU A 204 -9.24 -8.74 -9.41
CA GLU A 204 -8.46 -7.52 -9.59
C GLU A 204 -9.27 -6.29 -9.18
N GLU A 205 -10.56 -6.28 -9.52
CA GLU A 205 -11.46 -5.18 -9.16
C GLU A 205 -11.56 -5.00 -7.67
N GLU A 206 -11.68 -6.10 -6.92
CA GLU A 206 -11.76 -5.98 -5.47
C GLU A 206 -10.43 -5.49 -4.89
N HIS A 207 -9.32 -6.10 -5.33
CA HIS A 207 -8.00 -5.66 -4.90
C HIS A 207 -7.81 -4.17 -5.14
N VAL A 208 -8.11 -3.73 -6.34
CA VAL A 208 -7.88 -2.33 -6.70
C VAL A 208 -8.83 -1.44 -5.89
N LEU A 209 -10.06 -1.92 -5.65
CA LEU A 209 -11.02 -1.17 -4.85
C LEU A 209 -10.60 -1.14 -3.39
N LEU A 210 -10.06 -2.24 -2.87
CA LEU A 210 -9.59 -2.21 -1.50
C LEU A 210 -8.49 -1.17 -1.32
N MET A 211 -7.55 -1.08 -2.27
CA MET A 211 -6.48 -0.08 -2.14
C MET A 211 -7.05 1.34 -2.10
N ALA A 212 -7.98 1.65 -3.00
CA ALA A 212 -8.55 3.00 -3.02
C ALA A 212 -9.45 3.25 -1.82
N ILE A 213 -10.14 2.23 -1.31
CA ILE A 213 -10.93 2.43 -0.11
C ILE A 213 -10.02 2.72 1.08
N CYS A 214 -8.92 1.99 1.17
CA CYS A 214 -7.99 2.20 2.26
C CYS A 214 -7.38 3.59 2.20
N LEU A 215 -7.05 4.01 0.99
CA LEU A 215 -6.39 5.31 0.82
C LEU A 215 -7.33 6.45 1.16
N LEU A 216 -8.61 6.28 0.91
CA LEU A 216 -9.61 7.31 1.10
C LEU A 216 -10.26 7.26 2.48
N SER A 217 -9.60 6.64 3.44
CA SER A 217 -10.09 6.63 4.81
C SER A 217 -9.98 8.02 5.42
N PRO A 218 -11.08 8.60 5.94
CA PRO A 218 -10.99 9.91 6.58
C PRO A 218 -10.51 9.88 8.02
N ASP A 219 -10.24 8.69 8.57
CA ASP A 219 -9.80 8.53 9.95
C ASP A 219 -8.28 8.49 10.00
N ARG A 220 -7.68 9.57 9.52
CA ARG A 220 -6.24 9.67 9.45
C ARG A 220 -5.83 11.04 9.94
N PRO A 221 -4.67 11.16 10.59
CA PRO A 221 -4.25 12.46 11.11
C PRO A 221 -3.91 13.41 9.98
N GLY A 222 -4.35 14.67 10.13
CA GLY A 222 -4.03 15.72 9.21
C GLY A 222 -5.11 16.04 8.20
N VAL A 223 -6.16 15.22 8.09
CA VAL A 223 -7.18 15.48 7.07
C VAL A 223 -8.05 16.63 7.53
N GLN A 224 -8.51 17.44 6.56
CA GLN A 224 -9.32 18.61 6.85
C GLN A 224 -10.78 18.38 6.44
N ASP A 225 -10.98 18.09 5.16
CA ASP A 225 -12.31 17.90 4.60
C ASP A 225 -12.74 16.44 4.76
N HIS A 226 -12.88 16.02 6.02
CA HIS A 226 -13.16 14.61 6.26
C HIS A 226 -14.56 14.20 5.82
N VAL A 227 -15.49 15.14 5.65
CA VAL A 227 -16.79 14.76 5.11
C VAL A 227 -16.70 14.52 3.60
N ARG A 228 -15.89 15.32 2.89
CA ARG A 228 -15.77 15.09 1.46
C ARG A 228 -15.05 13.77 1.16
N ILE A 229 -14.03 13.42 1.93
CA ILE A 229 -13.34 12.19 1.55
C ILE A 229 -14.08 10.98 2.11
N GLU A 230 -14.80 11.14 3.22
CA GLU A 230 -15.72 10.08 3.64
C GLU A 230 -16.78 9.83 2.57
N ALA A 231 -17.24 10.90 1.91
CA ALA A 231 -18.14 10.76 0.78
C ALA A 231 -17.51 9.90 -0.32
N LEU A 232 -16.27 10.21 -0.70
CA LEU A 232 -15.60 9.43 -1.73
C LEU A 232 -15.37 7.98 -1.27
N GLN A 233 -15.02 7.80 0.00
CA GLN A 233 -14.77 6.45 0.47
C GLN A 233 -16.03 5.62 0.49
N ASP A 234 -17.15 6.24 0.89
CA ASP A 234 -18.50 5.71 1.07
C ASP A 234 -19.09 5.30 -0.17
N ARG A 235 -18.46 5.59 -1.25
CA ARG A 235 -18.97 5.24 -2.56
C ARG A 235 -18.10 4.23 -3.28
N LEU A 236 -16.79 4.17 -3.02
CA LEU A 236 -16.00 3.02 -3.43
C LEU A 236 -16.54 1.77 -2.76
N CYS A 237 -16.91 1.89 -1.49
CA CYS A 237 -17.52 0.77 -0.78
C CYS A 237 -18.81 0.32 -1.45
N ASP A 238 -19.61 1.27 -1.93
CA ASP A 238 -20.78 0.91 -2.73
C ASP A 238 -20.36 0.14 -3.97
N VAL A 239 -19.37 0.65 -4.71
CA VAL A 239 -18.93 -0.09 -5.89
C VAL A 239 -18.42 -1.47 -5.50
N LEU A 240 -17.76 -1.55 -4.34
CA LEU A 240 -17.24 -2.85 -3.91
C LEU A 240 -18.38 -3.82 -3.60
N GLN A 241 -19.34 -3.39 -2.79
CA GLN A 241 -20.47 -4.25 -2.45
C GLN A 241 -21.24 -4.69 -3.68
N ALA A 242 -21.49 -3.75 -4.60
CA ALA A 242 -22.18 -4.09 -5.83
C ALA A 242 -21.35 -5.06 -6.68
N TYR A 243 -20.05 -4.81 -6.81
CA TYR A 243 -19.25 -5.71 -7.64
C TYR A 243 -19.34 -7.14 -7.11
N ILE A 244 -19.11 -7.32 -5.81
CA ILE A 244 -19.09 -8.64 -5.22
C ILE A 244 -20.42 -9.35 -5.41
N ARG A 245 -21.53 -8.63 -5.25
CA ARG A 245 -22.83 -9.27 -5.37
C ARG A 245 -23.10 -9.69 -6.81
N ILE A 246 -22.92 -8.76 -7.76
CA ILE A 246 -23.27 -9.09 -9.14
C ILE A 246 -22.28 -10.09 -9.72
N GLN A 247 -20.98 -9.92 -9.44
CA GLN A 247 -19.94 -10.51 -10.26
C GLN A 247 -19.01 -11.48 -9.55
N HIS A 248 -19.14 -11.68 -8.25
CA HIS A 248 -18.28 -12.64 -7.56
C HIS A 248 -19.13 -13.74 -6.95
N PRO A 249 -19.16 -14.92 -7.55
CA PRO A 249 -19.90 -16.04 -6.97
C PRO A 249 -19.31 -16.49 -5.64
N GLY A 250 -20.18 -16.99 -4.77
CA GLY A 250 -19.76 -17.49 -3.48
C GLY A 250 -19.12 -16.44 -2.59
N GLY A 251 -19.56 -15.19 -2.71
CA GLY A 251 -18.96 -14.14 -1.92
C GLY A 251 -19.91 -13.47 -0.95
N ARG A 252 -20.82 -14.24 -0.35
CA ARG A 252 -21.75 -13.66 0.60
C ARG A 252 -21.03 -13.07 1.82
N LEU A 253 -19.81 -13.53 2.10
CA LEU A 253 -19.08 -13.08 3.29
C LEU A 253 -17.87 -12.21 2.93
N LEU A 254 -17.59 -12.00 1.65
CA LEU A 254 -16.28 -11.49 1.26
C LEU A 254 -16.09 -10.04 1.67
N TYR A 255 -17.12 -9.21 1.52
CA TYR A 255 -16.99 -7.79 1.80
C TYR A 255 -16.64 -7.54 3.26
N ALA A 256 -17.39 -8.17 4.17
CA ALA A 256 -17.07 -8.07 5.59
C ALA A 256 -15.63 -8.47 5.87
N LYS A 257 -15.15 -9.52 5.20
CA LYS A 257 -13.78 -9.96 5.44
C LYS A 257 -12.78 -8.96 4.90
N MET A 258 -13.10 -8.30 3.78
CA MET A 258 -12.19 -7.30 3.24
C MET A 258 -12.13 -6.09 4.15
N ILE A 259 -13.29 -5.65 4.67
CA ILE A 259 -13.30 -4.53 5.59
C ILE A 259 -12.57 -4.88 6.87
N GLN A 260 -12.56 -6.16 7.26
CA GLN A 260 -11.74 -6.57 8.39
C GLN A 260 -10.24 -6.36 8.11
N LYS A 261 -9.81 -6.58 6.87
CA LYS A 261 -8.41 -6.36 6.53
C LYS A 261 -8.01 -4.90 6.71
N LEU A 262 -8.91 -3.96 6.43
CA LEU A 262 -8.58 -2.56 6.68
C LEU A 262 -8.20 -2.33 8.13
N ALA A 263 -8.94 -2.95 9.07
CA ALA A 263 -8.59 -2.84 10.48
C ALA A 263 -7.22 -3.44 10.77
N ASP A 264 -6.93 -4.61 10.20
CA ASP A 264 -5.60 -5.19 10.38
C ASP A 264 -4.52 -4.21 9.97
N LEU A 265 -4.72 -3.53 8.82
CA LEU A 265 -3.72 -2.63 8.30
C LEU A 265 -3.46 -1.45 9.24
N ARG A 266 -4.51 -0.92 9.86
CA ARG A 266 -4.31 0.11 10.89
C ARG A 266 -3.32 -0.36 11.93
N SER A 267 -3.47 -1.61 12.37
CA SER A 267 -2.59 -2.17 13.37
C SER A 267 -1.16 -2.34 12.83
N LEU A 268 -1.02 -2.89 11.63
CA LEU A 268 0.30 -3.02 11.04
C LEU A 268 0.94 -1.66 10.80
N ASN A 269 0.14 -0.68 10.40
CA ASN A 269 0.63 0.68 10.20
C ASN A 269 1.31 1.18 11.47
N GLU A 270 0.64 1.03 12.60
CA GLU A 270 1.19 1.56 13.84
C GLU A 270 2.42 0.82 14.28
N GLU A 271 2.49 -0.48 14.00
CA GLU A 271 3.66 -1.24 14.41
C GLU A 271 4.87 -0.86 13.55
N HIS A 272 4.66 -0.60 12.26
CA HIS A 272 5.75 -0.18 11.40
C HIS A 272 6.26 1.19 11.79
N SER A 273 5.38 2.19 11.78
CA SER A 273 5.79 3.55 12.12
C SER A 273 6.43 3.63 13.50
N LYS A 274 6.15 2.68 14.39
CA LYS A 274 6.84 2.67 15.67
C LYS A 274 8.28 2.20 15.51
N GLN A 275 8.50 1.17 14.72
CA GLN A 275 9.84 0.69 14.43
C GLN A 275 10.59 1.62 13.49
N TYR A 276 9.87 2.31 12.59
CA TYR A 276 10.52 3.28 11.72
C TYR A 276 11.00 4.49 12.50
N ARG A 277 10.22 4.93 13.50
CA ARG A 277 10.68 6.03 14.33
C ARG A 277 12.04 5.71 14.93
N SER A 278 12.26 4.45 15.30
CA SER A 278 13.54 4.04 15.87
C SER A 278 14.66 4.10 14.84
N LEU A 279 14.40 3.67 13.61
CA LEU A 279 15.40 3.81 12.56
C LEU A 279 15.71 5.26 12.29
N SER A 280 14.67 6.07 12.09
CA SER A 280 14.89 7.45 11.70
C SER A 280 15.63 8.23 12.78
N PHE A 281 15.54 7.82 14.05
CA PHE A 281 16.29 8.53 15.08
C PHE A 281 17.75 8.11 15.16
N GLN A 282 18.16 7.08 14.43
CA GLN A 282 19.57 6.70 14.45
C GLN A 282 20.21 7.14 13.12
N PRO A 283 21.03 8.21 13.11
CA PRO A 283 21.49 8.75 11.82
C PRO A 283 22.22 7.75 10.95
N GLU A 284 22.96 6.81 11.54
CA GLU A 284 23.62 5.77 10.74
C GLU A 284 22.65 4.92 9.94
N HIS A 285 21.41 4.79 10.39
CA HIS A 285 20.39 4.10 9.60
C HIS A 285 19.56 5.04 8.75
N SER A 286 19.19 6.20 9.30
CA SER A 286 18.40 7.12 8.50
C SER A 286 19.15 7.56 7.26
N MET A 287 20.47 7.62 7.31
CA MET A 287 21.22 7.94 6.10
C MET A 287 21.10 6.87 5.01
N GLN A 288 20.61 5.67 5.35
CA GLN A 288 20.36 4.65 4.35
C GLN A 288 19.02 4.84 3.66
N LEU A 289 18.18 5.73 4.15
CA LEU A 289 16.86 5.98 3.59
C LEU A 289 16.94 6.91 2.40
N THR A 290 15.83 7.08 1.71
CA THR A 290 15.79 8.03 0.60
C THR A 290 15.07 9.29 1.04
N PRO A 291 15.28 10.42 0.35
CA PRO A 291 14.51 11.62 0.71
C PRO A 291 13.00 11.39 0.72
N LEU A 292 12.47 10.69 -0.28
CA LEU A 292 11.02 10.46 -0.34
C LEU A 292 10.53 9.72 0.88
N VAL A 293 11.20 8.61 1.20
CA VAL A 293 10.91 7.86 2.42
C VAL A 293 10.90 8.80 3.63
N LEU A 294 11.98 9.55 3.82
CA LEU A 294 12.06 10.43 4.98
C LEU A 294 10.98 11.51 4.95
N GLU A 295 10.56 11.94 3.77
CA GLU A 295 9.52 12.95 3.68
C GLU A 295 8.15 12.35 4.01
N VAL A 296 7.84 11.21 3.41
CA VAL A 296 6.53 10.59 3.56
C VAL A 296 6.33 10.09 4.99
N PHE A 297 7.35 9.46 5.55
CA PHE A 297 7.27 8.84 6.86
C PHE A 297 7.76 9.77 7.96
N GLY A 298 8.14 11.00 7.62
CA GLY A 298 8.59 11.95 8.61
C GLY A 298 7.44 12.59 9.34
N SER A 299 7.78 13.48 10.27
CA SER A 299 6.78 14.05 11.16
C SER A 299 6.39 15.48 10.80
N GLU A 300 6.90 16.04 9.69
CA GLU A 300 6.61 17.44 9.33
C GLU A 300 5.11 17.73 9.33
N HIS B 2 7.06 18.46 2.43
CA HIS B 2 6.28 17.57 1.51
C HIS B 2 6.33 18.17 0.10
N LYS B 3 7.40 18.91 -0.19
CA LYS B 3 7.55 19.55 -1.52
C LYS B 3 7.77 18.45 -2.56
N ILE B 4 8.57 17.43 -2.24
CA ILE B 4 8.72 16.29 -3.19
C ILE B 4 7.32 15.73 -3.48
N LEU B 5 6.61 15.31 -2.43
CA LEU B 5 5.21 14.82 -2.60
C LEU B 5 4.45 15.81 -3.48
N HIS B 6 4.50 17.10 -3.11
CA HIS B 6 3.81 18.16 -3.89
C HIS B 6 4.12 17.97 -5.38
N ARG B 7 5.41 17.97 -5.73
CA ARG B 7 5.78 17.91 -7.17
C ARG B 7 5.28 16.59 -7.77
N LEU B 8 5.30 15.53 -6.99
CA LEU B 8 4.83 14.22 -7.49
C LEU B 8 3.31 14.32 -7.69
N LEU B 9 2.64 15.08 -6.84
CA LEU B 9 1.18 15.30 -6.99
C LEU B 9 0.99 16.42 -8.01
N GLN B 10 2.04 16.67 -8.79
CA GLN B 10 2.02 17.64 -9.90
C GLN B 10 1.67 19.02 -9.35
C4 IFK C . 6.20 -3.80 2.29
C5 IFK C . 6.08 -2.92 3.54
C6 IFK C . 6.29 -3.60 4.86
C7 IFK C . 7.74 -3.98 5.20
C8 IFK C . 8.79 -3.62 4.14
C10 IFK C . 10.45 -4.08 6.03
C13 IFK C . 12.12 0.02 5.09
C15 IFK C . 10.52 1.99 5.14
C17 IFK C . 12.62 2.06 6.48
C20 IFK C . 9.59 -6.55 1.75
C21 IFK C . 9.57 -5.66 2.99
C22 IFK C . 6.91 -5.20 -0.11
C24 IFK C . 6.81 -5.34 -2.48
C26 IFK C . 5.40 -3.68 -3.75
C28 IFK C . 5.92 -4.31 -5.02
C1 IFK C . 9.36 -3.56 1.68
C11 IFK C . 10.47 -1.88 4.77
C12 IFK C . 11.74 -1.42 5.48
C14 IFK C . 11.52 1.17 5.93
C18 IFK C . 7.38 -5.66 1.08
C19 IFK C . 8.17 -6.91 1.27
C2 IFK C . 8.72 -4.39 2.80
C23 IFK C . 7.03 -5.87 -1.32
C25 IFK C . 6.38 -3.91 -2.62
C29 IFK C . 6.14 -5.79 -4.93
C3 IFK C . 7.30 -4.87 2.36
C31 IFK C . 7.07 -6.10 -3.75
C32 IFK C . 6.11 -3.62 -6.12
C9 IFK C . 10.21 -3.40 4.69
O16 IFK C . 10.83 0.60 7.04
O27 IFK C . 5.13 -2.30 -3.96
O30 IFK C . 4.89 -6.44 -4.69
#